data_3B1B
#
_entry.id   3B1B
#
_cell.length_a   134.3
_cell.length_b   134.3
_cell.length_c   120.1
_cell.angle_alpha   90.0
_cell.angle_beta   90.0
_cell.angle_gamma   120.0
#
_symmetry.space_group_name_H-M   'P 65'
#
loop_
_entity.id
_entity.type
_entity.pdbx_description
1 polymer 'Carbonic anhydrase 1'
2 non-polymer 'ZINC ION'
3 non-polymer 'SULFATE ION'
4 non-polymer 2-acetamido-2-deoxy-beta-D-glucopyranose
5 water water
#
_entity_poly.entity_id   1
_entity_poly.type   'polypeptide(L)'
_entity_poly.pdbx_seq_one_letter_code
;MARTGALLLVALALAGCAQACIYKFGTSPDSKATVSGDHWDHGLNGENWEGKDGAGNAWVCKTGRKQSPINVPQYQVLDG
KGSKIANGLQTQWSYPDLMSNGTSVQVINNGHTIQVQWTYNYAGHATIAIPAMHNQTNRIVDVLEMRPNDAADRVTAVPT
QFHFHSTSEHLLAGKIYPLELHIVHQVTEKLEACKGGCFSVTGILFQLDNGPDNELLEPIFANMPSREGTFSNLPAGTTI
KLGELLPSDRDYVTYEGSLTTPPCSEGLLWHVMTQPQRISFGQWNRYRLAVGLKECNSTETAADAGHHHHHRRLLHNHAH
LEEVPAATSEPKHYFRRVMLAESANPDAYTCKAVAFGQNFRNPQYANGRTIKLARYH
;
_entity_poly.pdbx_strand_id   A,B
#
# COMPACT_ATOMS: atom_id res chain seq x y z
N CYS A 21 5.44 12.36 -20.90
CA CYS A 21 5.26 10.94 -21.26
C CYS A 21 6.26 10.09 -20.47
N ILE A 22 5.76 9.24 -19.59
CA ILE A 22 6.64 8.30 -18.88
C ILE A 22 6.32 6.86 -19.29
N TYR A 23 7.19 5.92 -18.92
CA TYR A 23 7.00 4.52 -19.23
C TYR A 23 6.83 3.69 -17.96
N LYS A 24 5.79 2.87 -17.96
CA LYS A 24 5.63 1.84 -16.94
C LYS A 24 6.87 0.95 -16.87
N PHE A 25 7.20 0.53 -15.64
CA PHE A 25 8.23 -0.49 -15.40
C PHE A 25 7.92 -1.74 -16.24
N GLY A 26 8.88 -2.14 -17.08
CA GLY A 26 8.65 -3.27 -17.96
C GLY A 26 8.42 -2.84 -19.39
N THR A 27 8.38 -1.53 -19.63
CA THR A 27 8.09 -1.07 -21.00
C THR A 27 9.11 -0.06 -21.48
N SER A 28 10.19 0.12 -20.74
CA SER A 28 11.16 1.17 -21.05
C SER A 28 11.83 0.90 -22.38
N PRO A 29 11.89 1.92 -23.25
CA PRO A 29 12.53 1.71 -24.56
C PRO A 29 14.02 1.36 -24.52
N ASP A 30 14.72 1.68 -23.42
CA ASP A 30 16.11 1.27 -23.29
C ASP A 30 16.26 -0.17 -22.74
N SER A 31 15.14 -0.89 -22.57
CA SER A 31 15.19 -2.23 -21.95
C SER A 31 15.96 -3.22 -22.82
N LYS A 32 16.82 -4.00 -22.18
CA LYS A 32 17.52 -5.11 -22.86
C LYS A 32 16.87 -6.47 -22.58
N ALA A 33 15.70 -6.46 -21.95
CA ALA A 33 15.02 -7.73 -21.65
C ALA A 33 14.57 -8.42 -22.91
N THR A 34 14.52 -9.74 -22.86
CA THR A 34 13.91 -10.52 -23.95
C THR A 34 12.59 -11.11 -23.46
N VAL A 35 11.62 -11.23 -24.36
CA VAL A 35 10.32 -11.79 -23.97
C VAL A 35 9.86 -12.92 -24.90
N SER A 36 9.59 -14.09 -24.34
CA SER A 36 8.92 -15.11 -25.13
C SER A 36 7.44 -15.03 -24.79
N GLY A 37 6.61 -14.99 -25.82
CA GLY A 37 5.17 -14.85 -25.59
C GLY A 37 4.78 -13.40 -25.46
N ASP A 38 3.53 -13.20 -25.04
CA ASP A 38 2.93 -11.87 -24.99
C ASP A 38 3.60 -10.97 -23.95
N HIS A 39 3.73 -9.71 -24.31
CA HIS A 39 4.27 -8.71 -23.38
C HIS A 39 3.26 -8.45 -22.28
N TRP A 40 3.77 -8.11 -21.10
CA TRP A 40 2.92 -7.73 -19.97
C TRP A 40 3.67 -6.82 -19.00
N ASP A 41 2.92 -6.17 -18.10
CA ASP A 41 3.51 -5.30 -17.12
C ASP A 41 2.54 -5.21 -15.95
N HIS A 42 2.88 -4.44 -14.92
CA HIS A 42 2.04 -4.37 -13.73
C HIS A 42 1.11 -3.15 -13.75
N GLY A 43 0.95 -2.53 -14.92
CA GLY A 43 0.15 -1.30 -15.02
C GLY A 43 -1.24 -1.38 -14.41
N LEU A 44 -1.91 -2.50 -14.61
CA LEU A 44 -3.22 -2.73 -14.02
C LEU A 44 -3.16 -3.86 -12.99
N ASN A 45 -1.97 -4.01 -12.38
CA ASN A 45 -1.78 -5.02 -11.31
C ASN A 45 -2.35 -6.38 -11.72
N GLY A 46 -2.21 -6.69 -12.99
CA GLY A 46 -2.62 -8.01 -13.52
C GLY A 46 -4.06 -8.18 -13.96
N GLU A 47 -4.89 -7.13 -13.83
CA GLU A 47 -6.29 -7.24 -14.29
C GLU A 47 -6.41 -7.59 -15.77
N ASN A 48 -5.43 -7.14 -16.55
CA ASN A 48 -5.43 -7.31 -18.00
C ASN A 48 -4.55 -8.45 -18.49
N TRP A 49 -4.25 -9.40 -17.62
CA TRP A 49 -3.31 -10.46 -17.99
C TRP A 49 -4.02 -11.61 -18.69
N GLU A 50 -4.30 -11.38 -19.96
CA GLU A 50 -4.87 -12.35 -20.86
C GLU A 50 -3.84 -12.46 -21.97
N GLY A 51 -3.41 -13.67 -22.28
CA GLY A 51 -2.28 -13.79 -23.17
C GLY A 51 -1.85 -15.23 -23.31
N LYS A 52 -0.76 -15.41 -24.06
CA LYS A 52 -0.25 -16.73 -24.39
C LYS A 52 1.23 -16.69 -24.16
N ASP A 53 1.78 -17.81 -23.70
CA ASP A 53 3.21 -17.96 -23.53
C ASP A 53 3.85 -18.30 -24.87
N GLY A 54 5.16 -18.55 -24.84
CA GLY A 54 5.94 -18.80 -26.06
C GLY A 54 5.50 -20.04 -26.81
N ALA A 55 4.89 -20.98 -26.10
CA ALA A 55 4.39 -22.24 -26.69
C ALA A 55 2.93 -22.14 -27.11
N GLY A 56 2.34 -20.94 -26.96
CA GLY A 56 0.96 -20.70 -27.39
C GLY A 56 -0.10 -21.14 -26.40
N ASN A 57 0.33 -21.57 -25.21
CA ASN A 57 -0.61 -21.91 -24.15
C ASN A 57 -1.15 -20.63 -23.51
N ALA A 58 -2.45 -20.59 -23.23
CA ALA A 58 -3.11 -19.44 -22.59
C ALA A 58 -2.70 -19.31 -21.13
N TRP A 59 -2.36 -18.08 -20.71
CA TRP A 59 -2.24 -17.78 -19.27
C TRP A 59 -3.53 -18.10 -18.53
N VAL A 60 -3.43 -18.43 -17.25
CA VAL A 60 -4.61 -18.76 -16.50
C VAL A 60 -4.88 -17.70 -15.42
N CYS A 61 -4.22 -16.56 -15.54
CA CYS A 61 -4.33 -15.47 -14.55
C CYS A 61 -5.80 -15.11 -14.27
N LYS A 62 -6.58 -14.97 -15.34
CA LYS A 62 -7.97 -14.49 -15.23
C LYS A 62 -9.01 -15.59 -15.13
N THR A 63 -8.57 -16.86 -15.28
CA THR A 63 -9.50 -17.99 -15.30
C THR A 63 -9.40 -18.99 -14.14
N GLY A 64 -8.19 -19.15 -13.58
CA GLY A 64 -7.97 -20.04 -12.44
C GLY A 64 -8.73 -19.60 -11.21
N ARG A 65 -9.02 -20.57 -10.34
CA ARG A 65 -9.66 -20.25 -9.07
CA ARG A 65 -9.68 -20.36 -9.08
C ARG A 65 -8.75 -20.56 -7.88
N LYS A 66 -7.48 -20.85 -8.16
CA LYS A 66 -6.44 -21.01 -7.11
C LYS A 66 -5.33 -19.99 -7.37
N GLN A 67 -5.71 -18.73 -7.60
CA GLN A 67 -4.73 -17.68 -7.87
C GLN A 67 -4.13 -17.01 -6.62
N SER A 68 -2.90 -16.51 -6.77
CA SER A 68 -2.22 -15.78 -5.71
C SER A 68 -1.97 -14.34 -6.19
N PRO A 69 -1.79 -13.38 -5.26
CA PRO A 69 -1.83 -13.47 -3.82
C PRO A 69 -3.27 -13.42 -3.32
N ILE A 70 -3.42 -13.55 -2.02
CA ILE A 70 -4.72 -13.49 -1.38
C ILE A 70 -4.69 -12.46 -0.28
N ASN A 71 -5.89 -12.02 0.11
CA ASN A 71 -6.08 -11.19 1.29
C ASN A 71 -6.30 -12.13 2.47
N VAL A 72 -5.25 -12.39 3.26
CA VAL A 72 -5.34 -13.42 4.31
C VAL A 72 -6.36 -13.05 5.38
N PRO A 73 -7.36 -13.95 5.62
CA PRO A 73 -8.43 -13.61 6.55
C PRO A 73 -8.04 -13.54 8.01
N GLN A 74 -8.71 -12.68 8.77
CA GLN A 74 -8.60 -12.70 10.22
C GLN A 74 -9.42 -13.89 10.76
N TYR A 75 -10.64 -14.06 10.24
CA TYR A 75 -11.56 -15.11 10.71
C TYR A 75 -11.05 -16.52 10.46
N GLN A 76 -10.82 -17.23 11.56
CA GLN A 76 -10.39 -18.65 11.54
C GLN A 76 -9.04 -18.91 10.85
N VAL A 77 -8.25 -17.84 10.71
CA VAL A 77 -6.89 -17.97 10.17
C VAL A 77 -5.96 -17.18 11.09
N LEU A 78 -5.81 -15.87 10.85
CA LEU A 78 -4.91 -15.03 11.65
C LEU A 78 -5.33 -14.90 13.12
N ASP A 79 -6.63 -15.05 13.42
CA ASP A 79 -7.06 -15.07 14.83
C ASP A 79 -6.59 -16.29 15.61
N GLY A 80 -6.02 -17.27 14.91
CA GLY A 80 -5.54 -18.50 15.54
C GLY A 80 -6.67 -19.40 16.03
N LYS A 81 -7.89 -19.11 15.60
CA LYS A 81 -9.06 -19.93 15.97
C LYS A 81 -9.36 -21.11 15.03
N GLY A 82 -8.68 -21.16 13.88
CA GLY A 82 -8.95 -22.22 12.90
C GLY A 82 -8.18 -23.48 13.21
N SER A 83 -8.24 -24.46 12.31
CA SER A 83 -7.39 -25.63 12.36
C SER A 83 -5.97 -25.25 11.93
N LYS A 84 -5.03 -25.40 12.87
CA LYS A 84 -3.62 -25.00 12.63
C LYS A 84 -2.78 -26.18 12.17
N ILE A 85 -1.62 -25.88 11.58
CA ILE A 85 -0.71 -26.92 11.09
C ILE A 85 0.02 -27.46 12.31
N ALA A 86 -0.12 -28.77 12.52
CA ALA A 86 0.54 -29.44 13.64
C ALA A 86 2.03 -29.18 13.58
N ASN A 87 2.65 -28.96 14.73
CA ASN A 87 4.08 -28.71 14.85
C ASN A 87 4.91 -29.62 13.97
N GLY A 88 4.61 -30.92 14.02
CA GLY A 88 5.36 -31.89 13.24
C GLY A 88 5.17 -31.83 11.74
N LEU A 89 4.18 -31.07 11.29
CA LEU A 89 3.90 -31.02 9.88
C LEU A 89 4.37 -29.68 9.30
N GLN A 90 4.95 -28.85 10.14
CA GLN A 90 5.39 -27.50 9.74
C GLN A 90 6.59 -27.51 8.82
N THR A 91 6.57 -26.59 7.86
CA THR A 91 7.71 -26.37 7.00
C THR A 91 8.85 -25.87 7.88
N GLN A 92 10.07 -26.26 7.53
CA GLN A 92 11.27 -25.85 8.26
C GLN A 92 12.27 -25.24 7.30
N TRP A 93 12.81 -24.07 7.64
CA TRP A 93 13.70 -23.36 6.75
C TRP A 93 15.15 -23.35 7.29
N SER A 94 16.10 -23.66 6.43
CA SER A 94 17.56 -23.68 6.71
C SER A 94 18.34 -22.87 5.70
N TYR A 95 18.50 -21.57 5.99
CA TYR A 95 19.15 -20.71 5.02
C TYR A 95 20.45 -20.16 5.62
N PRO A 96 21.61 -20.59 5.08
CA PRO A 96 22.84 -19.93 5.50
C PRO A 96 23.07 -18.67 4.63
N ASP A 97 24.08 -17.87 4.95
CA ASP A 97 24.39 -16.71 4.10
C ASP A 97 24.66 -17.12 2.67
N LEU A 98 24.16 -16.30 1.75
CA LEU A 98 24.60 -16.28 0.36
C LEU A 98 25.83 -15.37 0.27
N MET A 99 26.82 -15.78 -0.51
CA MET A 99 28.13 -15.14 -0.51
C MET A 99 28.60 -15.07 -1.93
N SER A 100 28.93 -13.86 -2.41
CA SER A 100 29.47 -13.70 -3.76
C SER A 100 31.00 -13.76 -3.80
N ASN A 101 31.53 -14.35 -4.86
CA ASN A 101 32.97 -14.36 -5.11
C ASN A 101 33.33 -13.33 -6.18
N GLY A 102 32.32 -12.53 -6.55
CA GLY A 102 32.52 -11.45 -7.51
C GLY A 102 31.73 -11.68 -8.77
N THR A 103 31.38 -12.93 -9.03
CA THR A 103 30.57 -13.26 -10.19
C THR A 103 29.50 -14.30 -9.87
N SER A 104 29.48 -14.83 -8.65
CA SER A 104 28.63 -15.98 -8.31
C SER A 104 27.24 -15.68 -7.70
N VAL A 105 27.01 -14.42 -7.30
CA VAL A 105 25.66 -13.98 -6.92
C VAL A 105 25.36 -12.72 -7.72
N GLN A 106 24.15 -12.66 -8.28
CA GLN A 106 23.77 -11.58 -9.21
C GLN A 106 22.46 -10.96 -8.72
N VAL A 107 22.27 -9.68 -9.06
CA VAL A 107 21.01 -8.97 -8.82
C VAL A 107 20.51 -8.57 -10.19
N ILE A 108 19.31 -9.00 -10.52
CA ILE A 108 18.79 -8.87 -11.87
C ILE A 108 17.62 -7.86 -11.83
N ASN A 109 17.59 -6.95 -12.80
CA ASN A 109 16.37 -6.18 -13.10
C ASN A 109 15.83 -6.75 -14.39
N ASN A 110 14.72 -7.47 -14.31
CA ASN A 110 14.14 -8.07 -15.52
C ASN A 110 12.94 -7.31 -16.11
N GLY A 111 12.72 -6.09 -15.64
CA GLY A 111 11.57 -5.33 -16.07
C GLY A 111 10.31 -5.65 -15.30
N HIS A 112 10.39 -6.63 -14.39
CA HIS A 112 9.20 -7.09 -13.67
C HIS A 112 9.44 -7.17 -12.17
N THR A 113 10.71 -7.22 -11.75
CA THR A 113 11.07 -7.30 -10.34
C THR A 113 12.59 -7.06 -10.24
N ILE A 114 13.09 -6.97 -9.02
CA ILE A 114 14.53 -7.03 -8.73
C ILE A 114 14.68 -8.44 -8.12
N GLN A 115 15.56 -9.24 -8.72
CA GLN A 115 15.64 -10.66 -8.39
C GLN A 115 17.11 -11.00 -8.09
N VAL A 116 17.35 -11.87 -7.11
CA VAL A 116 18.70 -12.35 -6.80
C VAL A 116 18.78 -13.78 -7.29
N GLN A 117 19.89 -14.07 -7.98
CA GLN A 117 20.20 -15.41 -8.44
C GLN A 117 21.66 -15.74 -8.06
N TRP A 118 22.03 -17.02 -8.17
CA TRP A 118 23.39 -17.42 -7.82
C TRP A 118 23.77 -18.53 -8.76
N THR A 119 25.07 -18.61 -9.05
CA THR A 119 25.62 -19.54 -10.04
C THR A 119 26.65 -20.48 -9.41
N TYR A 120 26.66 -20.52 -8.08
CA TYR A 120 27.37 -21.54 -7.30
C TYR A 120 26.38 -22.44 -6.55
N ASN A 121 26.89 -23.53 -5.98
CA ASN A 121 26.02 -24.47 -5.27
C ASN A 121 25.72 -24.04 -3.85
N TYR A 122 24.71 -23.18 -3.71
CA TYR A 122 24.28 -22.68 -2.43
C TYR A 122 23.52 -23.79 -1.71
N ALA A 123 23.66 -23.88 -0.40
CA ALA A 123 23.11 -24.99 0.41
C ALA A 123 21.83 -24.65 1.16
N GLY A 124 21.27 -23.48 0.87
CA GLY A 124 20.01 -23.13 1.49
C GLY A 124 18.91 -24.06 1.01
N HIS A 125 18.03 -24.44 1.93
CA HIS A 125 16.87 -25.26 1.60
C HIS A 125 15.77 -25.09 2.64
N ALA A 126 14.60 -25.60 2.29
CA ALA A 126 13.52 -25.77 3.25
C ALA A 126 13.10 -27.20 3.13
N THR A 127 12.37 -27.70 4.13
CA THR A 127 11.69 -28.99 4.01
C THR A 127 10.21 -28.88 4.29
N ILE A 128 9.45 -29.66 3.52
CA ILE A 128 8.00 -29.66 3.57
C ILE A 128 7.50 -31.07 3.84
N ALA A 129 6.55 -31.17 4.77
CA ALA A 129 5.89 -32.44 5.12
C ALA A 129 5.01 -32.96 4.00
N ILE A 130 5.05 -34.28 3.77
CA ILE A 130 4.19 -34.95 2.80
C ILE A 130 3.62 -36.22 3.47
N PRO A 131 2.48 -36.76 2.98
CA PRO A 131 2.06 -38.04 3.59
C PRO A 131 3.13 -39.13 3.39
N ALA A 132 3.37 -39.93 4.44
CA ALA A 132 4.40 -40.98 4.40
C ALA A 132 4.16 -41.98 3.26
N MET A 133 2.92 -42.38 3.11
CA MET A 133 2.52 -43.23 1.99
C MET A 133 1.99 -42.33 0.89
N HIS A 134 2.63 -42.37 -0.27
CA HIS A 134 2.27 -41.49 -1.37
C HIS A 134 2.37 -42.19 -2.72
N ASN A 135 1.53 -41.75 -3.65
CA ASN A 135 1.45 -42.26 -5.01
C ASN A 135 1.28 -41.08 -5.98
N GLN A 136 1.05 -41.37 -7.26
CA GLN A 136 0.98 -40.31 -8.26
C GLN A 136 -0.18 -39.32 -8.03
N THR A 137 -1.15 -39.67 -7.19
CA THR A 137 -2.23 -38.76 -6.86
C THR A 137 -1.79 -37.64 -5.90
N ASN A 138 -0.67 -37.86 -5.19
CA ASN A 138 -0.23 -36.92 -4.17
C ASN A 138 0.43 -35.69 -4.76
N ARG A 139 0.32 -34.58 -4.03
CA ARG A 139 0.77 -33.29 -4.52
C ARG A 139 1.51 -32.56 -3.43
N ILE A 140 2.29 -31.55 -3.82
CA ILE A 140 3.10 -30.80 -2.87
C ILE A 140 2.25 -30.04 -1.88
N VAL A 141 0.98 -29.81 -2.23
CA VAL A 141 0.08 -29.09 -1.36
C VAL A 141 -0.68 -30.01 -0.38
N ASP A 142 -0.37 -31.30 -0.41
CA ASP A 142 -1.09 -32.28 0.44
C ASP A 142 -1.09 -32.00 1.92
N VAL A 143 -0.02 -31.40 2.44
CA VAL A 143 0.05 -31.03 3.87
C VAL A 143 -1.14 -30.23 4.39
N LEU A 144 -1.78 -29.45 3.50
CA LEU A 144 -2.91 -28.58 3.88
C LEU A 144 -4.09 -29.37 4.47
N GLU A 145 -4.22 -30.60 4.01
CA GLU A 145 -5.35 -31.45 4.41
C GLU A 145 -4.94 -32.62 5.31
N MET A 146 -3.65 -32.74 5.62
CA MET A 146 -3.19 -33.79 6.53
C MET A 146 -3.76 -33.56 7.92
N ARG A 147 -4.06 -34.67 8.61
CA ARG A 147 -4.50 -34.63 10.01
CA ARG A 147 -4.50 -34.60 10.00
C ARG A 147 -3.27 -34.54 10.91
N PRO A 148 -3.38 -33.86 12.08
CA PRO A 148 -2.22 -33.68 12.95
C PRO A 148 -1.41 -34.93 13.26
N ASN A 149 -2.06 -36.10 13.26
CA ASN A 149 -1.37 -37.33 13.63
C ASN A 149 -0.99 -38.23 12.47
N ASP A 150 -1.17 -37.73 11.24
CA ASP A 150 -0.88 -38.50 10.04
C ASP A 150 0.61 -38.77 9.89
N ALA A 151 0.92 -40.00 9.46
CA ALA A 151 2.27 -40.39 9.07
C ALA A 151 2.79 -39.45 7.99
N ALA A 152 3.92 -38.81 8.27
CA ALA A 152 4.50 -37.84 7.36
C ALA A 152 5.94 -38.18 6.99
N ASP A 153 6.29 -37.92 5.73
CA ASP A 153 7.66 -37.81 5.26
C ASP A 153 8.03 -36.32 5.07
N ARG A 154 9.24 -36.06 4.56
CA ARG A 154 9.69 -34.69 4.21
C ARG A 154 10.37 -34.67 2.87
N VAL A 155 10.15 -33.58 2.12
CA VAL A 155 10.79 -33.39 0.84
C VAL A 155 11.59 -32.10 0.93
N THR A 156 12.65 -32.03 0.14
CA THR A 156 13.52 -30.85 0.17
C THR A 156 13.02 -29.86 -0.86
N ALA A 157 12.86 -28.62 -0.42
CA ALA A 157 12.52 -27.52 -1.33
C ALA A 157 13.78 -26.66 -1.52
N VAL A 158 14.27 -26.64 -2.75
CA VAL A 158 15.50 -25.96 -3.11
C VAL A 158 15.20 -24.55 -3.68
N PRO A 159 15.73 -23.49 -3.01
CA PRO A 159 15.56 -22.13 -3.60
C PRO A 159 16.20 -21.97 -4.96
N THR A 160 15.48 -21.35 -5.88
CA THR A 160 15.97 -21.12 -7.23
C THR A 160 16.34 -19.63 -7.45
N GLN A 161 15.70 -18.76 -6.67
CA GLN A 161 15.90 -17.32 -6.78
C GLN A 161 15.03 -16.69 -5.71
N PHE A 162 15.32 -15.43 -5.36
CA PHE A 162 14.32 -14.68 -4.58
C PHE A 162 14.15 -13.30 -5.20
N HIS A 163 13.02 -12.64 -4.93
CA HIS A 163 12.78 -11.35 -5.63
C HIS A 163 11.75 -10.59 -4.83
N PHE A 164 11.39 -9.39 -5.31
CA PHE A 164 10.66 -8.45 -4.45
C PHE A 164 9.42 -7.88 -5.16
N HIS A 165 8.50 -7.36 -4.35
CA HIS A 165 7.30 -6.64 -4.86
C HIS A 165 7.09 -5.50 -3.90
N SER A 166 6.76 -4.33 -4.46
CA SER A 166 6.19 -3.25 -3.66
C SER A 166 4.87 -2.83 -4.41
N THR A 167 3.78 -2.55 -3.68
CA THR A 167 3.63 -2.86 -2.27
C THR A 167 3.47 -4.39 -2.19
N SER A 168 3.14 -4.90 -1.01
CA SER A 168 3.07 -6.37 -0.80
C SER A 168 1.97 -6.99 -1.64
N GLU A 169 2.19 -8.20 -2.11
CA GLU A 169 1.17 -8.92 -2.86
C GLU A 169 0.15 -9.49 -1.91
N HIS A 170 0.60 -10.21 -0.87
CA HIS A 170 -0.32 -10.63 0.18
C HIS A 170 -0.71 -9.44 1.06
N LEU A 171 -1.97 -9.43 1.46
CA LEU A 171 -2.45 -8.56 2.50
C LEU A 171 -2.73 -9.44 3.71
N LEU A 172 -2.61 -8.86 4.89
CA LEU A 172 -3.00 -9.58 6.11
C LEU A 172 -4.22 -8.89 6.67
N ALA A 173 -5.37 -9.55 6.59
CA ALA A 173 -6.61 -8.99 7.14
C ALA A 173 -6.84 -7.56 6.59
N GLY A 174 -6.66 -7.42 5.27
CA GLY A 174 -6.96 -6.15 4.60
C GLY A 174 -5.89 -5.07 4.67
N LYS A 175 -4.76 -5.37 5.31
CA LYS A 175 -3.61 -4.44 5.42
C LYS A 175 -2.48 -4.75 4.44
N ILE A 176 -1.88 -3.70 3.89
CA ILE A 176 -0.85 -3.78 2.89
C ILE A 176 0.49 -3.49 3.60
N TYR A 177 1.57 -4.10 3.10
CA TYR A 177 2.92 -3.85 3.63
C TYR A 177 3.73 -3.19 2.51
N PRO A 178 4.68 -2.30 2.87
CA PRO A 178 5.47 -1.68 1.78
C PRO A 178 6.24 -2.64 0.88
N LEU A 179 6.68 -3.78 1.42
CA LEU A 179 7.51 -4.65 0.61
C LEU A 179 7.25 -6.12 0.95
N GLU A 180 7.36 -6.96 -0.07
CA GLU A 180 7.28 -8.41 0.13
C GLU A 180 8.44 -9.05 -0.62
N LEU A 181 9.02 -10.08 -0.04
CA LEU A 181 10.14 -10.79 -0.64
C LEU A 181 9.66 -12.24 -0.85
N HIS A 182 9.84 -12.76 -2.04
CA HIS A 182 9.43 -14.10 -2.40
C HIS A 182 10.65 -14.95 -2.65
N ILE A 183 10.76 -16.04 -1.90
CA ILE A 183 11.80 -17.07 -2.17
C ILE A 183 11.13 -18.25 -2.83
N VAL A 184 11.49 -18.46 -4.08
CA VAL A 184 10.93 -19.47 -4.95
C VAL A 184 11.76 -20.75 -4.82
N HIS A 185 11.06 -21.87 -4.66
CA HIS A 185 11.71 -23.19 -4.43
C HIS A 185 11.15 -24.21 -5.40
N GLN A 186 12.01 -25.12 -5.87
CA GLN A 186 11.60 -26.30 -6.64
C GLN A 186 11.80 -27.57 -5.76
N VAL A 187 10.82 -28.49 -5.82
CA VAL A 187 10.87 -29.81 -5.17
C VAL A 187 10.87 -30.80 -6.32
N THR A 188 11.84 -31.71 -6.33
CA THR A 188 11.80 -32.75 -7.37
C THR A 188 11.76 -34.19 -6.82
N GLU A 189 11.84 -34.33 -5.51
CA GLU A 189 12.03 -35.65 -4.88
C GLU A 189 10.81 -36.26 -4.16
N LYS A 190 10.79 -37.60 -4.14
CA LYS A 190 9.79 -38.43 -3.46
C LYS A 190 8.42 -38.48 -4.12
N LEU A 191 7.79 -37.31 -4.26
CA LEU A 191 6.47 -37.25 -4.90
C LEU A 191 6.60 -37.51 -6.38
N GLU A 192 5.95 -38.59 -6.81
CA GLU A 192 5.92 -39.03 -8.20
C GLU A 192 5.54 -37.87 -9.10
N ALA A 193 4.54 -37.10 -8.65
CA ALA A 193 4.05 -35.94 -9.37
C ALA A 193 5.12 -34.86 -9.61
N CYS A 194 6.19 -34.89 -8.83
CA CYS A 194 7.18 -33.78 -8.85
C CYS A 194 8.35 -33.97 -9.82
N LYS A 195 8.29 -35.03 -10.62
CA LYS A 195 9.07 -35.09 -11.84
C LYS A 195 8.40 -34.20 -12.91
N GLY A 196 9.16 -33.33 -13.55
CA GLY A 196 10.30 -32.67 -12.96
C GLY A 196 9.83 -31.27 -12.54
N GLY A 197 9.50 -31.12 -11.26
CA GLY A 197 9.29 -29.80 -10.67
C GLY A 197 7.87 -29.49 -10.19
N CYS A 198 7.76 -29.37 -8.88
CA CYS A 198 6.65 -28.78 -8.16
C CYS A 198 7.31 -27.60 -7.50
N PHE A 199 6.49 -26.64 -7.08
CA PHE A 199 7.02 -25.37 -6.63
C PHE A 199 6.36 -24.88 -5.38
N SER A 200 7.12 -24.17 -4.56
CA SER A 200 6.62 -23.63 -3.33
C SER A 200 7.31 -22.33 -3.12
N VAL A 201 6.58 -21.35 -2.59
CA VAL A 201 7.13 -20.02 -2.38
C VAL A 201 6.93 -19.65 -0.94
N THR A 202 7.92 -18.96 -0.40
CA THR A 202 7.82 -18.36 0.90
C THR A 202 7.87 -16.85 0.75
N GLY A 203 6.89 -16.16 1.33
CA GLY A 203 6.82 -14.71 1.25
C GLY A 203 7.10 -14.12 2.60
N ILE A 204 7.99 -13.12 2.62
CA ILE A 204 8.28 -12.35 3.81
C ILE A 204 7.80 -10.92 3.61
N LEU A 205 7.12 -10.40 4.59
CA LEU A 205 6.56 -9.06 4.55
C LEU A 205 7.45 -8.09 5.30
N PHE A 206 7.52 -6.84 4.85
CA PHE A 206 8.24 -5.79 5.58
C PHE A 206 7.31 -4.66 5.92
N GLN A 207 7.18 -4.35 7.18
CA GLN A 207 6.39 -3.16 7.59
C GLN A 207 7.27 -1.94 7.60
N LEU A 208 6.68 -0.77 7.33
CA LEU A 208 7.47 0.46 7.33
C LEU A 208 7.96 0.79 8.74
N ASP A 209 9.21 1.26 8.82
CA ASP A 209 9.86 1.51 10.09
C ASP A 209 10.56 2.88 10.09
N ASN A 210 10.49 3.58 11.21
CA ASN A 210 10.99 4.94 11.33
C ASN A 210 12.45 4.95 11.74
N GLY A 211 13.05 3.77 11.83
CA GLY A 211 14.47 3.69 12.22
C GLY A 211 15.43 3.72 11.06
N PRO A 212 16.69 3.33 11.31
CA PRO A 212 17.69 3.28 10.26
C PRO A 212 17.40 2.18 9.25
N ASP A 213 18.07 2.24 8.10
CA ASP A 213 18.03 1.22 7.06
C ASP A 213 18.20 -0.14 7.71
N ASN A 214 17.37 -1.08 7.28
CA ASN A 214 17.56 -2.49 7.58
C ASN A 214 18.78 -3.00 6.81
N GLU A 215 19.91 -3.18 7.49
CA GLU A 215 21.15 -3.56 6.81
C GLU A 215 21.09 -4.87 6.02
N LEU A 216 20.19 -5.74 6.42
CA LEU A 216 19.96 -7.01 5.72
C LEU A 216 19.54 -6.84 4.28
N LEU A 217 18.85 -5.74 3.97
CA LEU A 217 18.46 -5.46 2.59
C LEU A 217 19.55 -4.79 1.76
N GLU A 218 20.50 -4.13 2.43
CA GLU A 218 21.50 -3.28 1.73
C GLU A 218 22.39 -3.99 0.71
N PRO A 219 22.82 -5.24 0.98
CA PRO A 219 23.56 -5.98 -0.05
C PRO A 219 22.80 -6.07 -1.35
N ILE A 220 21.46 -6.14 -1.29
CA ILE A 220 20.69 -6.13 -2.53
C ILE A 220 20.48 -4.71 -3.05
N PHE A 221 19.95 -3.83 -2.19
CA PHE A 221 19.50 -2.49 -2.61
C PHE A 221 20.65 -1.61 -3.08
N ALA A 222 21.80 -1.74 -2.42
CA ALA A 222 23.04 -1.04 -2.86
C ALA A 222 23.52 -1.46 -4.25
N ASN A 223 23.07 -2.64 -4.71
CA ASN A 223 23.58 -3.22 -5.96
C ASN A 223 22.55 -3.47 -7.04
N MET A 224 21.31 -3.05 -6.85
CA MET A 224 20.29 -3.35 -7.85
C MET A 224 20.40 -2.47 -9.09
N PRO A 225 20.32 -3.06 -10.28
CA PRO A 225 20.41 -2.26 -11.50
C PRO A 225 19.12 -1.47 -11.81
N SER A 226 19.25 -0.22 -12.25
CA SER A 226 18.05 0.55 -12.59
CA SER A 226 18.12 0.65 -12.63
C SER A 226 17.61 0.34 -14.03
N ARG A 227 18.51 -0.14 -14.88
CA ARG A 227 18.12 -0.45 -16.24
C ARG A 227 17.43 -1.81 -16.44
N GLU A 228 16.25 -1.77 -17.05
CA GLU A 228 15.45 -2.96 -17.29
C GLU A 228 16.22 -3.91 -18.19
N GLY A 229 16.20 -5.20 -17.83
CA GLY A 229 16.80 -6.23 -18.69
C GLY A 229 18.29 -6.45 -18.48
N THR A 230 18.81 -6.04 -17.34
CA THR A 230 20.23 -6.10 -17.07
C THR A 230 20.49 -6.74 -15.71
N PHE A 231 21.74 -7.11 -15.46
CA PHE A 231 22.09 -7.61 -14.16
C PHE A 231 23.42 -7.04 -13.71
N SER A 232 23.69 -7.18 -12.42
CA SER A 232 24.95 -6.80 -11.85
C SER A 232 25.45 -7.89 -10.88
N ASN A 233 26.74 -8.21 -11.00
CA ASN A 233 27.41 -9.15 -10.10
C ASN A 233 27.62 -8.50 -8.75
N LEU A 234 27.34 -9.23 -7.66
CA LEU A 234 27.64 -8.69 -6.36
C LEU A 234 29.16 -8.78 -6.18
N PRO A 235 29.77 -7.69 -5.65
CA PRO A 235 31.22 -7.64 -5.36
C PRO A 235 31.66 -8.82 -4.50
N ALA A 236 32.86 -9.35 -4.80
CA ALA A 236 33.45 -10.41 -3.99
C ALA A 236 33.35 -10.06 -2.55
N GLY A 237 32.93 -11.03 -1.73
CA GLY A 237 32.77 -10.84 -0.31
C GLY A 237 31.39 -10.38 0.13
N THR A 238 30.55 -9.94 -0.82
CA THR A 238 29.20 -9.48 -0.44
C THR A 238 28.37 -10.65 0.06
N THR A 239 27.83 -10.48 1.26
CA THR A 239 27.01 -11.47 1.93
C THR A 239 25.51 -11.07 1.99
N ILE A 240 24.62 -11.99 1.63
CA ILE A 240 23.17 -11.79 1.84
C ILE A 240 22.75 -12.79 2.90
N LYS A 241 22.34 -12.29 4.04
CA LYS A 241 21.99 -13.09 5.18
C LYS A 241 20.52 -13.55 5.04
N LEU A 242 20.26 -14.37 4.04
CA LEU A 242 18.90 -14.91 3.77
C LEU A 242 18.20 -15.48 5.00
N GLY A 243 18.96 -16.14 5.89
CA GLY A 243 18.39 -16.76 7.07
C GLY A 243 18.03 -15.77 8.15
N GLU A 244 18.54 -14.55 8.04
CA GLU A 244 18.16 -13.49 8.93
C GLU A 244 17.05 -12.62 8.32
N LEU A 245 16.96 -12.61 6.99
CA LEU A 245 15.83 -11.91 6.32
C LEU A 245 14.53 -12.63 6.68
N LEU A 246 14.59 -13.96 6.70
CA LEU A 246 13.51 -14.76 7.23
C LEU A 246 13.25 -14.46 8.71
N PRO A 247 11.99 -14.24 9.09
CA PRO A 247 11.68 -13.95 10.49
C PRO A 247 12.17 -15.08 11.42
N SER A 248 12.56 -14.74 12.64
CA SER A 248 13.05 -15.81 13.53
C SER A 248 11.84 -16.48 14.21
N ASP A 249 10.78 -15.71 14.39
CA ASP A 249 9.49 -16.24 14.85
C ASP A 249 8.73 -16.70 13.59
N ARG A 250 8.73 -18.02 13.37
CA ARG A 250 8.29 -18.56 12.10
C ARG A 250 6.81 -18.95 11.91
N ASP A 251 5.91 -18.17 12.51
CA ASP A 251 4.48 -18.29 12.25
C ASP A 251 4.29 -18.07 10.76
N TYR A 252 3.42 -18.87 10.14
CA TYR A 252 3.07 -18.62 8.74
C TYR A 252 1.62 -18.98 8.41
N VAL A 253 1.12 -18.42 7.31
CA VAL A 253 -0.17 -18.88 6.75
C VAL A 253 0.19 -19.64 5.50
N THR A 254 -0.50 -20.75 5.27
CA THR A 254 -0.21 -21.59 4.12
C THR A 254 -1.49 -21.95 3.35
N TYR A 255 -1.37 -22.02 2.04
CA TYR A 255 -2.48 -22.31 1.11
C TYR A 255 -1.92 -22.71 -0.25
N GLU A 256 -2.79 -23.24 -1.11
CA GLU A 256 -2.43 -23.62 -2.45
C GLU A 256 -2.75 -22.43 -3.36
N GLY A 257 -1.78 -22.05 -4.16
CA GLY A 257 -1.92 -20.87 -5.02
C GLY A 257 -1.17 -20.98 -6.29
N SER A 258 -0.72 -19.82 -6.80
CA SER A 258 -0.19 -19.73 -8.12
C SER A 258 1.02 -18.83 -8.22
N LEU A 259 1.68 -18.83 -9.36
CA LEU A 259 2.62 -17.76 -9.68
C LEU A 259 1.82 -16.45 -9.66
N THR A 260 2.46 -15.36 -9.28
CA THR A 260 1.76 -14.06 -9.30
C THR A 260 2.17 -13.20 -10.50
N THR A 261 2.80 -13.82 -11.51
CA THR A 261 3.10 -13.17 -12.79
C THR A 261 2.68 -14.16 -13.87
N PRO A 262 2.37 -13.68 -15.08
CA PRO A 262 2.00 -14.55 -16.18
C PRO A 262 3.07 -15.67 -16.36
N PRO A 263 2.64 -16.90 -16.63
CA PRO A 263 1.31 -17.45 -16.91
C PRO A 263 0.39 -17.74 -15.75
N CYS A 264 0.77 -17.37 -14.52
CA CYS A 264 -0.01 -17.54 -13.27
C CYS A 264 -0.35 -19.00 -13.00
N SER A 265 0.57 -19.90 -13.40
CA SER A 265 0.32 -21.36 -13.24
C SER A 265 0.02 -21.67 -11.82
N GLU A 266 -0.90 -22.62 -11.59
CA GLU A 266 -1.40 -22.95 -10.29
C GLU A 266 -0.72 -24.24 -9.78
N GLY A 267 -1.02 -24.61 -8.54
CA GLY A 267 -0.51 -25.85 -7.91
C GLY A 267 0.67 -25.61 -6.97
N LEU A 268 0.96 -24.35 -6.68
CA LEU A 268 2.08 -24.00 -5.81
C LEU A 268 1.69 -24.04 -4.34
N LEU A 269 2.62 -24.49 -3.49
CA LEU A 269 2.38 -24.39 -2.07
C LEU A 269 2.93 -23.04 -1.55
N TRP A 270 2.06 -22.20 -1.04
CA TRP A 270 2.50 -20.93 -0.46
C TRP A 270 2.71 -20.95 1.02
N HIS A 271 3.74 -20.22 1.45
CA HIS A 271 3.91 -19.89 2.84
C HIS A 271 4.04 -18.39 2.91
N VAL A 272 3.24 -17.76 3.76
CA VAL A 272 3.38 -16.32 4.01
C VAL A 272 3.72 -16.13 5.49
N MET A 273 4.93 -15.64 5.76
CA MET A 273 5.35 -15.42 7.12
C MET A 273 4.56 -14.25 7.70
N THR A 274 3.96 -14.47 8.87
CA THR A 274 3.06 -13.47 9.46
C THR A 274 3.74 -12.41 10.32
N GLN A 275 5.01 -12.61 10.63
CA GLN A 275 5.77 -11.65 11.45
C GLN A 275 6.59 -10.74 10.53
N PRO A 276 6.14 -9.48 10.33
CA PRO A 276 6.84 -8.65 9.35
C PRO A 276 8.23 -8.22 9.85
N GLN A 277 9.14 -8.06 8.91
CA GLN A 277 10.46 -7.49 9.16
C GLN A 277 10.34 -5.97 8.94
N ARG A 278 11.45 -5.24 9.00
CA ARG A 278 11.43 -3.78 8.96
C ARG A 278 12.06 -3.26 7.67
N ILE A 279 11.52 -2.17 7.14
CA ILE A 279 12.16 -1.47 6.02
C ILE A 279 12.09 0.03 6.34
N SER A 280 13.19 0.77 6.11
CA SER A 280 13.21 2.20 6.43
C SER A 280 12.46 3.02 5.37
N PHE A 281 12.17 4.28 5.68
CA PHE A 281 11.52 5.21 4.70
C PHE A 281 12.38 5.30 3.44
N GLY A 282 13.68 5.49 3.64
CA GLY A 282 14.60 5.68 2.53
C GLY A 282 14.78 4.44 1.66
N GLN A 283 14.82 3.27 2.30
CA GLN A 283 14.86 2.03 1.52
C GLN A 283 13.61 1.79 0.69
N TRP A 284 12.43 2.13 1.25
CA TRP A 284 11.19 1.92 0.49
C TRP A 284 11.25 2.83 -0.74
N ASN A 285 11.72 4.06 -0.56
CA ASN A 285 11.86 4.95 -1.74
C ASN A 285 12.82 4.38 -2.80
N ARG A 286 14.00 3.96 -2.35
CA ARG A 286 15.00 3.39 -3.25
C ARG A 286 14.51 2.23 -4.07
N TYR A 287 13.83 1.27 -3.41
CA TYR A 287 13.22 0.17 -4.13
C TYR A 287 12.20 0.62 -5.16
N ARG A 288 11.27 1.49 -4.73
CA ARG A 288 10.26 2.00 -5.64
C ARG A 288 10.82 2.81 -6.82
N LEU A 289 11.95 3.45 -6.66
CA LEU A 289 12.57 4.12 -7.81
C LEU A 289 13.27 3.11 -8.73
N ALA A 290 13.77 2.02 -8.16
CA ALA A 290 14.36 0.94 -8.99
C ALA A 290 13.31 0.25 -9.87
N VAL A 291 12.06 0.23 -9.41
CA VAL A 291 10.97 -0.29 -10.24
C VAL A 291 10.11 0.89 -10.74
N GLY A 292 10.78 2.03 -10.88
CA GLY A 292 10.10 3.29 -11.14
C GLY A 292 9.66 3.48 -12.57
N LEU A 293 8.84 4.51 -12.77
CA LEU A 293 8.39 4.96 -14.08
CA LEU A 293 8.44 4.88 -14.11
C LEU A 293 9.48 5.82 -14.69
N LYS A 294 9.75 5.65 -15.99
CA LYS A 294 10.90 6.25 -16.62
C LYS A 294 10.57 7.29 -17.71
N GLU A 295 11.40 8.30 -17.79
CA GLU A 295 11.30 9.30 -18.85
C GLU A 295 12.50 9.07 -19.75
N CYS A 296 12.29 9.06 -21.06
CA CYS A 296 13.36 8.75 -22.03
C CYS A 296 13.42 9.78 -23.15
N ASN A 297 14.64 10.05 -23.63
CA ASN A 297 14.85 10.87 -24.83
C ASN A 297 15.75 10.14 -25.82
N ASN A 345 16.65 -0.41 -31.33
CA ASN A 345 17.92 -0.31 -30.62
C ASN A 345 17.78 0.23 -29.18
N PRO A 346 17.81 -0.66 -28.16
CA PRO A 346 17.72 -0.24 -26.75
C PRO A 346 18.76 0.81 -26.36
N ASP A 347 19.95 0.72 -26.95
CA ASP A 347 21.02 1.69 -26.66
C ASP A 347 20.79 3.09 -27.26
N ALA A 348 19.82 3.21 -28.17
CA ALA A 348 19.50 4.49 -28.79
C ALA A 348 18.72 5.45 -27.87
N TYR A 349 18.43 5.00 -26.64
CA TYR A 349 17.60 5.77 -25.72
C TYR A 349 18.31 6.05 -24.41
N THR A 350 18.13 7.26 -23.89
CA THR A 350 18.56 7.54 -22.52
C THR A 350 17.32 7.74 -21.64
N CYS A 351 17.26 6.98 -20.55
CA CYS A 351 16.09 6.95 -19.66
C CYS A 351 16.53 7.16 -18.24
N LYS A 352 15.66 7.75 -17.41
CA LYS A 352 15.91 7.78 -15.98
C LYS A 352 14.57 7.66 -15.24
N ALA A 353 14.62 7.12 -14.03
CA ALA A 353 13.40 6.95 -13.24
C ALA A 353 13.04 8.32 -12.70
N VAL A 354 11.78 8.70 -12.88
CA VAL A 354 11.34 10.01 -12.46
C VAL A 354 10.18 9.93 -11.44
N ALA A 355 9.61 8.74 -11.25
CA ALA A 355 8.46 8.60 -10.33
C ALA A 355 8.55 7.24 -9.66
N PHE A 356 8.11 7.17 -8.42
CA PHE A 356 8.11 5.91 -7.67
C PHE A 356 7.17 4.92 -8.32
N GLY A 357 7.59 3.65 -8.43
CA GLY A 357 6.74 2.67 -9.10
C GLY A 357 6.23 1.62 -8.11
N GLN A 358 5.83 0.49 -8.69
CA GLN A 358 5.23 -0.61 -7.95
C GLN A 358 5.40 -1.80 -8.88
N ASN A 359 5.38 -3.01 -8.31
CA ASN A 359 5.38 -4.19 -9.17
C ASN A 359 4.62 -5.31 -8.45
N PHE A 360 3.33 -5.07 -8.20
CA PHE A 360 2.50 -6.07 -7.47
C PHE A 360 1.27 -6.50 -8.26
N ARG A 361 0.84 -7.72 -8.01
CA ARG A 361 -0.42 -8.21 -8.54
C ARG A 361 -1.54 -7.98 -7.52
N ASN A 362 -2.73 -7.58 -8.01
CA ASN A 362 -3.90 -7.42 -7.19
C ASN A 362 -4.24 -8.72 -6.43
N PRO A 363 -4.87 -8.59 -5.26
CA PRO A 363 -5.29 -9.78 -4.52
C PRO A 363 -6.43 -10.53 -5.22
N GLN A 364 -6.48 -11.84 -4.94
CA GLN A 364 -7.37 -12.75 -5.63
C GLN A 364 -8.24 -13.40 -4.57
N TYR A 365 -9.48 -13.72 -4.93
CA TYR A 365 -10.38 -14.40 -4.00
C TYR A 365 -9.96 -15.82 -3.63
N ALA A 366 -10.24 -16.22 -2.40
CA ALA A 366 -9.88 -17.57 -1.90
C ALA A 366 -10.67 -18.68 -2.60
N ASN A 367 -11.93 -18.39 -2.94
CA ASN A 367 -12.78 -19.36 -3.66
C ASN A 367 -12.81 -20.72 -2.97
N GLY A 368 -13.01 -20.69 -1.65
CA GLY A 368 -13.20 -21.88 -0.83
C GLY A 368 -11.96 -22.69 -0.48
N ARG A 369 -10.78 -22.21 -0.90
CA ARG A 369 -9.52 -22.90 -0.57
C ARG A 369 -9.25 -23.01 0.90
N THR A 370 -8.53 -24.06 1.25
CA THR A 370 -8.01 -24.25 2.59
C THR A 370 -6.85 -23.26 2.80
N ILE A 371 -6.96 -22.52 3.90
CA ILE A 371 -5.95 -21.55 4.35
C ILE A 371 -5.78 -21.84 5.84
N LYS A 372 -4.54 -22.12 6.24
CA LYS A 372 -4.27 -22.47 7.64
C LYS A 372 -3.09 -21.72 8.20
N LEU A 373 -3.18 -21.41 9.49
CA LEU A 373 -2.10 -20.85 10.29
C LEU A 373 -1.25 -21.96 10.88
N ALA A 374 0.06 -21.72 10.90
CA ALA A 374 1.03 -22.56 11.61
C ALA A 374 1.67 -21.67 12.66
N ARG A 375 1.55 -22.05 13.93
CA ARG A 375 2.23 -21.37 15.02
C ARG A 375 3.58 -22.02 15.30
N TYR A 376 4.63 -21.20 15.27
CA TYR A 376 5.99 -21.67 15.51
C TYR A 376 6.16 -22.03 16.98
N HIS A 377 6.61 -23.25 17.23
CA HIS A 377 6.87 -23.77 18.59
C HIS A 377 5.76 -23.53 19.63
N CYS B 21 1.11 9.19 -22.58
CA CYS B 21 1.70 7.93 -23.09
C CYS B 21 2.87 7.39 -22.23
N ILE B 22 2.82 7.51 -20.90
CA ILE B 22 1.62 7.88 -20.15
C ILE B 22 1.82 9.15 -19.28
N TYR B 23 0.72 9.70 -18.75
CA TYR B 23 0.80 10.91 -17.93
C TYR B 23 0.41 10.62 -16.50
N LYS B 24 1.22 11.10 -15.56
CA LYS B 24 0.91 11.03 -14.11
C LYS B 24 -0.40 11.77 -13.86
N PHE B 25 -1.17 11.29 -12.91
CA PHE B 25 -2.34 12.02 -12.43
C PHE B 25 -1.93 13.44 -12.04
N GLY B 26 -2.65 14.45 -12.55
CA GLY B 26 -2.28 15.83 -12.26
C GLY B 26 -1.50 16.47 -13.40
N THR B 27 -1.15 15.69 -14.43
CA THR B 27 -0.38 16.20 -15.57
C THR B 27 -1.06 15.96 -16.93
N SER B 28 -2.29 15.49 -16.93
CA SER B 28 -2.93 15.11 -18.18
C SER B 28 -3.16 16.34 -19.06
N PRO B 29 -2.78 16.24 -20.36
CA PRO B 29 -2.91 17.40 -21.24
C PRO B 29 -4.37 17.80 -21.54
N ASP B 30 -5.32 16.90 -21.26
CA ASP B 30 -6.76 17.24 -21.33
C ASP B 30 -7.33 17.88 -20.05
N SER B 31 -6.47 18.15 -19.07
CA SER B 31 -6.95 18.71 -17.81
C SER B 31 -7.55 20.10 -18.02
N LYS B 32 -8.69 20.32 -17.38
CA LYS B 32 -9.28 21.65 -17.35
C LYS B 32 -8.98 22.34 -16.02
N ALA B 33 -8.03 21.80 -15.25
CA ALA B 33 -7.67 22.42 -13.96
C ALA B 33 -6.96 23.76 -14.16
N THR B 34 -7.20 24.67 -13.23
CA THR B 34 -6.48 25.94 -13.21
C THR B 34 -5.46 25.84 -12.07
N VAL B 35 -4.24 26.31 -12.27
CA VAL B 35 -3.23 26.23 -11.20
C VAL B 35 -2.76 27.61 -10.76
N SER B 36 -2.98 27.96 -9.50
CA SER B 36 -2.34 29.14 -8.95
C SER B 36 -1.01 28.71 -8.33
N GLY B 37 0.08 29.23 -8.86
CA GLY B 37 1.40 28.86 -8.34
C GLY B 37 1.98 27.67 -9.08
N ASP B 38 3.01 27.08 -8.48
CA ASP B 38 3.83 26.10 -9.15
C ASP B 38 3.06 24.80 -9.30
N HIS B 39 3.34 24.10 -10.40
CA HIS B 39 2.79 22.75 -10.66
CA HIS B 39 2.72 22.80 -10.60
C HIS B 39 3.35 21.77 -9.65
N TRP B 40 2.55 20.78 -9.30
CA TRP B 40 3.03 19.67 -8.50
C TRP B 40 2.16 18.47 -8.78
N ASP B 41 2.67 17.28 -8.43
CA ASP B 41 1.89 16.06 -8.55
C ASP B 41 2.41 15.03 -7.53
N HIS B 42 1.86 13.82 -7.54
CA HIS B 42 2.26 12.82 -6.55
C HIS B 42 3.30 11.84 -7.11
N GLY B 43 3.95 12.19 -8.22
CA GLY B 43 4.93 11.28 -8.85
C GLY B 43 6.03 10.74 -7.91
N LEU B 44 6.55 11.59 -7.03
CA LEU B 44 7.50 11.13 -6.03
C LEU B 44 6.90 11.24 -4.63
N ASN B 45 5.58 11.11 -4.54
CA ASN B 45 4.88 11.17 -3.24
C ASN B 45 5.33 12.34 -2.37
N GLY B 46 5.60 13.48 -3.03
CA GLY B 46 5.89 14.73 -2.31
C GLY B 46 7.37 14.99 -2.03
N GLU B 47 8.25 14.04 -2.40
CA GLU B 47 9.69 14.24 -2.11
C GLU B 47 10.23 15.49 -2.82
N ASN B 48 9.62 15.87 -3.93
CA ASN B 48 10.08 17.00 -4.78
C ASN B 48 9.22 18.30 -4.63
N TRP B 49 8.46 18.35 -3.56
CA TRP B 49 7.59 19.50 -3.31
C TRP B 49 8.31 20.71 -2.76
N GLU B 50 8.96 21.45 -3.66
CA GLU B 50 9.51 22.76 -3.34
C GLU B 50 8.94 23.67 -4.38
N GLY B 51 8.42 24.82 -3.95
CA GLY B 51 7.73 25.69 -4.88
C GLY B 51 7.01 26.81 -4.17
N LYS B 52 6.17 27.51 -4.91
CA LYS B 52 5.50 28.68 -4.40
C LYS B 52 4.03 28.64 -4.77
N ASP B 53 3.20 29.22 -3.92
CA ASP B 53 1.80 29.42 -4.31
C ASP B 53 1.65 30.62 -5.27
N GLY B 54 0.42 30.89 -5.71
CA GLY B 54 0.13 32.01 -6.60
C GLY B 54 0.59 33.36 -6.07
N ALA B 55 0.67 33.48 -4.74
CA ALA B 55 1.09 34.70 -4.04
C ALA B 55 2.61 34.84 -3.87
N GLY B 56 3.35 33.81 -4.26
CA GLY B 56 4.81 33.76 -4.07
C GLY B 56 5.28 33.22 -2.71
N ASN B 57 4.37 32.68 -1.91
CA ASN B 57 4.78 32.13 -0.60
C ASN B 57 5.36 30.75 -0.81
N ALA B 58 6.53 30.51 -0.20
CA ALA B 58 7.23 29.24 -0.31
C ALA B 58 6.49 28.12 0.43
N TRP B 59 6.37 26.96 -0.21
CA TRP B 59 5.79 25.79 0.44
C TRP B 59 6.74 25.36 1.55
N VAL B 60 6.22 24.69 2.60
CA VAL B 60 7.06 24.27 3.75
C VAL B 60 7.13 22.75 3.83
N CYS B 61 6.72 22.10 2.75
CA CYS B 61 6.68 20.64 2.70
C CYS B 61 8.01 20.01 3.08
N LYS B 62 9.09 20.56 2.51
CA LYS B 62 10.43 19.99 2.72
CA LYS B 62 10.43 20.00 2.72
C LYS B 62 11.18 20.63 3.90
N THR B 63 10.62 21.67 4.49
CA THR B 63 11.32 22.40 5.57
C THR B 63 10.67 22.26 6.94
N GLY B 64 9.36 21.99 6.98
CA GLY B 64 8.67 21.87 8.27
C GLY B 64 9.05 20.64 9.04
N ARG B 65 8.94 20.72 10.38
CA ARG B 65 9.24 19.61 11.26
C ARG B 65 7.98 19.03 11.91
N LYS B 66 6.82 19.55 11.53
CA LYS B 66 5.54 18.96 11.99
C LYS B 66 4.67 18.59 10.78
N GLN B 67 5.24 17.78 9.88
CA GLN B 67 4.56 17.42 8.64
C GLN B 67 3.70 16.15 8.80
N SER B 68 2.67 16.06 7.97
CA SER B 68 1.79 14.89 7.91
C SER B 68 1.94 14.28 6.50
N PRO B 69 1.63 12.99 6.34
CA PRO B 69 1.15 12.07 7.35
C PRO B 69 2.32 11.45 8.17
N ILE B 70 1.96 10.67 9.18
CA ILE B 70 2.94 9.96 10.01
C ILE B 70 2.71 8.46 9.99
N ASN B 71 3.77 7.75 10.35
CA ASN B 71 3.68 6.32 10.60
C ASN B 71 3.35 6.16 12.10
N VAL B 72 2.07 5.92 12.40
CA VAL B 72 1.59 5.96 13.80
C VAL B 72 2.27 4.84 14.58
N PRO B 73 2.99 5.19 15.67
CA PRO B 73 3.71 4.17 16.44
C PRO B 73 2.83 3.18 17.21
N GLN B 74 3.32 1.95 17.36
CA GLN B 74 2.74 0.97 18.27
C GLN B 74 3.07 1.39 19.73
N TYR B 75 4.36 1.65 19.94
CA TYR B 75 4.90 1.88 21.28
C TYR B 75 4.38 3.15 21.90
N GLN B 76 3.70 3.00 23.04
CA GLN B 76 3.08 4.11 23.81
C GLN B 76 2.00 4.89 23.05
N VAL B 77 1.47 4.30 21.99
CA VAL B 77 0.38 4.95 21.27
C VAL B 77 -0.65 3.89 20.95
N LEU B 78 -0.44 3.11 19.88
CA LEU B 78 -1.45 2.12 19.48
C LEU B 78 -1.55 0.97 20.48
N ASP B 79 -0.45 0.68 21.17
CA ASP B 79 -0.45 -0.37 22.22
C ASP B 79 -1.33 -0.05 23.43
N GLY B 80 -1.82 1.18 23.52
CA GLY B 80 -2.73 1.62 24.59
C GLY B 80 -2.04 2.02 25.89
N LYS B 81 -0.72 2.05 25.86
CA LYS B 81 0.07 2.15 27.07
C LYS B 81 0.63 3.53 27.39
N GLY B 82 0.37 4.51 26.53
CA GLY B 82 0.81 5.88 26.76
C GLY B 82 -0.23 6.71 27.48
N SER B 83 0.03 8.01 27.62
CA SER B 83 -0.98 8.95 28.11
C SER B 83 -2.09 9.11 27.09
N LYS B 84 -3.32 8.75 27.49
CA LYS B 84 -4.45 8.77 26.57
C LYS B 84 -5.24 10.06 26.74
N ILE B 85 -5.97 10.48 25.70
CA ILE B 85 -6.86 11.63 25.80
C ILE B 85 -8.04 11.27 26.71
N ALA B 86 -8.18 12.02 27.80
CA ALA B 86 -9.28 11.80 28.75
C ALA B 86 -10.61 11.86 28.03
N ASN B 87 -11.51 10.96 28.43
CA ASN B 87 -12.83 10.91 27.85
C ASN B 87 -13.48 12.27 27.64
N GLY B 88 -13.38 13.15 28.64
CA GLY B 88 -14.03 14.45 28.54
C GLY B 88 -13.37 15.43 27.60
N LEU B 89 -12.12 15.13 27.20
CA LEU B 89 -11.35 16.00 26.32
C LEU B 89 -11.40 15.49 24.87
N GLN B 90 -12.10 14.37 24.67
CA GLN B 90 -12.17 13.75 23.33
C GLN B 90 -13.01 14.55 22.37
N THR B 91 -12.55 14.59 21.13
CA THR B 91 -13.31 15.13 20.04
C THR B 91 -14.59 14.31 19.84
N GLN B 92 -15.65 15.00 19.45
CA GLN B 92 -16.98 14.41 19.25
C GLN B 92 -17.47 14.80 17.89
N TRP B 93 -17.96 13.82 17.13
CA TRP B 93 -18.38 14.03 15.75
C TRP B 93 -19.90 13.87 15.59
N SER B 94 -20.52 14.81 14.88
CA SER B 94 -21.97 14.83 14.59
C SER B 94 -22.20 15.09 13.12
N TYR B 95 -22.23 14.02 12.32
CA TYR B 95 -22.40 14.19 10.88
C TYR B 95 -23.76 13.63 10.45
N PRO B 96 -24.68 14.49 9.99
CA PRO B 96 -25.91 13.91 9.45
C PRO B 96 -25.65 13.57 7.96
N ASP B 97 -26.62 13.01 7.25
CA ASP B 97 -26.38 12.74 5.81
C ASP B 97 -26.18 14.00 5.04
N LEU B 98 -25.29 13.91 4.06
CA LEU B 98 -25.08 14.98 3.13
C LEU B 98 -25.98 14.66 1.93
N MET B 99 -26.75 15.65 1.47
CA MET B 99 -27.82 15.40 0.49
C MET B 99 -27.76 16.36 -0.67
N SER B 100 -27.79 15.83 -1.89
CA SER B 100 -27.86 16.69 -3.05
C SER B 100 -29.31 16.91 -3.47
N ASN B 101 -29.57 18.12 -3.93
CA ASN B 101 -30.86 18.52 -4.47
C ASN B 101 -30.69 18.60 -5.99
N GLY B 102 -29.56 18.08 -6.46
CA GLY B 102 -29.25 18.09 -7.88
C GLY B 102 -28.14 19.03 -8.28
N THR B 103 -27.88 20.06 -7.48
CA THR B 103 -26.74 20.96 -7.72
C THR B 103 -26.01 21.32 -6.42
N SER B 104 -26.50 20.85 -5.29
CA SER B 104 -26.02 21.31 -4.00
C SER B 104 -24.86 20.52 -3.41
N VAL B 105 -24.55 19.37 -4.01
CA VAL B 105 -23.33 18.59 -3.65
C VAL B 105 -22.56 18.25 -4.96
N GLN B 106 -21.23 18.40 -4.93
CA GLN B 106 -20.43 18.22 -6.14
C GLN B 106 -19.33 17.19 -5.82
N VAL B 107 -18.94 16.43 -6.84
CA VAL B 107 -17.73 15.60 -6.74
C VAL B 107 -16.74 16.18 -7.72
N ILE B 108 -15.51 16.40 -7.25
CA ILE B 108 -14.54 17.13 -8.00
C ILE B 108 -13.32 16.23 -8.25
N ASN B 109 -12.81 16.25 -9.46
CA ASN B 109 -11.46 15.73 -9.75
C ASN B 109 -10.55 16.91 -10.07
N ASN B 110 -9.64 17.26 -9.17
CA ASN B 110 -8.83 18.45 -9.36
C ASN B 110 -7.42 18.12 -9.83
N GLY B 111 -7.24 16.87 -10.24
CA GLY B 111 -5.93 16.35 -10.66
C GLY B 111 -5.03 15.98 -9.49
N HIS B 112 -5.53 16.07 -8.24
CA HIS B 112 -4.76 15.70 -7.04
C HIS B 112 -5.51 14.77 -6.10
N THR B 113 -6.84 14.74 -6.24
CA THR B 113 -7.72 13.94 -5.41
C THR B 113 -9.11 13.91 -6.06
N ILE B 114 -9.97 13.07 -5.51
CA ILE B 114 -11.41 13.10 -5.72
C ILE B 114 -11.96 13.74 -4.42
N GLN B 115 -12.67 14.85 -4.58
CA GLN B 115 -13.06 15.68 -3.45
C GLN B 115 -14.57 15.96 -3.54
N VAL B 116 -15.25 15.89 -2.41
CA VAL B 116 -16.68 16.25 -2.32
C VAL B 116 -16.81 17.64 -1.67
N GLN B 117 -17.62 18.49 -2.29
CA GLN B 117 -17.94 19.81 -1.76
C GLN B 117 -19.44 20.03 -1.82
N TRP B 118 -19.91 21.10 -1.17
CA TRP B 118 -21.35 21.34 -1.14
C TRP B 118 -21.61 22.83 -1.06
N THR B 119 -22.78 23.23 -1.55
CA THR B 119 -23.07 24.66 -1.68
C THR B 119 -24.35 25.03 -0.94
N TYR B 120 -24.79 24.13 -0.06
CA TYR B 120 -25.87 24.42 0.85
C TYR B 120 -25.29 24.38 2.24
N ASN B 121 -26.05 24.88 3.20
CA ASN B 121 -25.54 24.92 4.56
C ASN B 121 -25.70 23.61 5.31
N TYR B 122 -24.81 22.66 5.00
CA TYR B 122 -24.74 21.38 5.66
C TYR B 122 -24.40 21.54 7.13
N ALA B 123 -25.06 20.77 7.99
CA ALA B 123 -24.95 20.93 9.45
C ALA B 123 -23.99 19.99 10.16
N GLY B 124 -23.26 19.15 9.41
CA GLY B 124 -22.26 18.31 10.04
C GLY B 124 -21.22 19.16 10.76
N HIS B 125 -20.76 18.67 11.90
CA HIS B 125 -19.71 19.35 12.66
C HIS B 125 -19.03 18.36 13.56
N ALA B 126 -17.91 18.79 14.13
CA ALA B 126 -17.28 18.13 15.23
C ALA B 126 -17.07 19.21 16.31
N THR B 127 -16.88 18.79 17.54
CA THR B 127 -16.45 19.73 18.58
C THR B 127 -15.15 19.27 19.15
N ILE B 128 -14.26 20.23 19.41
CA ILE B 128 -12.94 19.93 19.93
C ILE B 128 -12.73 20.68 21.25
N ALA B 129 -12.13 19.99 22.21
CA ALA B 129 -11.84 20.53 23.55
C ALA B 129 -10.74 21.58 23.46
N ILE B 130 -10.89 22.64 24.25
CA ILE B 130 -9.89 23.69 24.36
C ILE B 130 -9.75 24.05 25.86
N PRO B 131 -8.63 24.70 26.24
CA PRO B 131 -8.58 25.25 27.60
C PRO B 131 -9.71 26.24 27.84
N ALA B 132 -10.38 26.09 28.99
CA ALA B 132 -11.49 26.98 29.34
C ALA B 132 -11.03 28.42 29.31
N MET B 133 -9.83 28.69 29.79
CA MET B 133 -9.30 30.03 29.78
C MET B 133 -8.25 30.03 28.70
N HIS B 134 -8.33 30.99 27.78
CA HIS B 134 -7.46 31.03 26.60
C HIS B 134 -7.26 32.46 26.16
N ASN B 135 -6.21 32.70 25.36
CA ASN B 135 -5.90 33.99 24.80
C ASN B 135 -5.10 33.76 23.49
N GLN B 136 -4.45 34.80 22.95
CA GLN B 136 -3.69 34.69 21.68
C GLN B 136 -2.59 33.61 21.61
N THR B 137 -2.11 33.16 22.76
CA THR B 137 -1.07 32.12 22.77
C THR B 137 -1.64 30.70 22.62
N ASN B 138 -2.96 30.55 22.71
CA ASN B 138 -3.57 29.23 22.57
C ASN B 138 -3.76 28.89 21.08
N ARG B 139 -3.79 27.59 20.81
CA ARG B 139 -3.96 27.07 19.45
C ARG B 139 -4.90 25.87 19.51
N ILE B 140 -5.43 25.50 18.34
CA ILE B 140 -6.37 24.37 18.23
C ILE B 140 -5.80 23.05 18.70
N VAL B 141 -4.47 22.95 18.69
CA VAL B 141 -3.80 21.71 19.07
C VAL B 141 -3.60 21.55 20.60
N ASP B 142 -4.03 22.54 21.38
CA ASP B 142 -3.71 22.58 22.81
C ASP B 142 -4.24 21.41 23.61
N VAL B 143 -5.31 20.79 23.12
CA VAL B 143 -5.85 19.57 23.78
C VAL B 143 -4.80 18.48 23.96
N LEU B 144 -3.81 18.44 23.05
CA LEU B 144 -2.77 17.40 23.12
C LEU B 144 -1.98 17.48 24.42
N GLU B 145 -1.88 18.70 24.97
CA GLU B 145 -1.06 18.96 26.19
C GLU B 145 -1.90 19.21 27.44
N MET B 146 -3.22 19.23 27.31
CA MET B 146 -4.09 19.45 28.47
C MET B 146 -3.97 18.27 29.43
N ARG B 147 -4.03 18.54 30.73
CA ARG B 147 -4.15 17.47 31.70
C ARG B 147 -5.62 17.03 31.78
N PRO B 148 -5.87 15.73 32.06
CA PRO B 148 -7.22 15.17 32.10
C PRO B 148 -8.24 15.98 32.91
N ASN B 149 -7.77 16.60 34.00
CA ASN B 149 -8.68 17.38 34.84
C ASN B 149 -8.66 18.88 34.58
N ASP B 150 -7.96 19.34 33.54
CA ASP B 150 -7.96 20.77 33.20
C ASP B 150 -9.36 21.23 32.82
N ALA B 151 -9.73 22.42 33.28
CA ALA B 151 -10.96 23.07 32.87
C ALA B 151 -10.95 23.24 31.36
N ALA B 152 -12.02 22.75 30.74
CA ALA B 152 -12.09 22.66 29.29
C ALA B 152 -13.33 23.36 28.80
N ASP B 153 -13.22 23.89 27.59
CA ASP B 153 -14.34 24.39 26.79
C ASP B 153 -14.32 23.61 25.45
N ARG B 154 -15.21 23.97 24.52
CA ARG B 154 -15.36 23.28 23.22
C ARG B 154 -15.55 24.28 22.11
N VAL B 155 -14.92 24.00 20.97
CA VAL B 155 -15.11 24.82 19.79
C VAL B 155 -15.71 23.96 18.69
N THR B 156 -16.44 24.63 17.81
CA THR B 156 -17.10 23.95 16.70
C THR B 156 -16.15 23.94 15.51
N ALA B 157 -15.89 22.74 15.00
CA ALA B 157 -15.12 22.56 13.75
C ALA B 157 -16.10 22.22 12.63
N VAL B 158 -16.13 23.02 11.60
CA VAL B 158 -17.10 22.90 10.52
C VAL B 158 -16.40 22.24 9.30
N PRO B 159 -16.93 21.10 8.79
CA PRO B 159 -16.32 20.52 7.57
C PRO B 159 -16.41 21.48 6.40
N THR B 160 -15.34 21.56 5.61
CA THR B 160 -15.32 22.40 4.40
C THR B 160 -15.35 21.55 3.08
N GLN B 161 -14.96 20.28 3.17
CA GLN B 161 -14.84 19.37 2.03
C GLN B 161 -14.29 18.07 2.60
N PHE B 162 -14.43 16.98 1.86
CA PHE B 162 -13.73 15.74 2.21
C PHE B 162 -13.16 15.18 0.92
N HIS B 163 -12.12 14.38 1.03
CA HIS B 163 -11.47 13.89 -0.20
C HIS B 163 -10.70 12.63 0.16
N PHE B 164 -10.05 12.06 -0.86
CA PHE B 164 -9.54 10.70 -0.78
C PHE B 164 -8.05 10.60 -1.17
N HIS B 165 -7.41 9.53 -0.68
CA HIS B 165 -6.01 9.16 -1.07
C HIS B 165 -5.96 7.67 -1.16
N SER B 166 -5.28 7.19 -2.17
CA SER B 166 -4.88 5.78 -2.23
C SER B 166 -3.38 5.77 -2.52
N THR B 167 -2.58 4.90 -1.91
CA THR B 167 -2.95 4.13 -0.72
C THR B 167 -3.05 5.14 0.44
N SER B 168 -3.22 4.67 1.68
CA SER B 168 -3.45 5.57 2.81
C SER B 168 -2.21 6.44 3.03
N GLU B 169 -2.43 7.63 3.54
CA GLU B 169 -1.32 8.50 3.88
C GLU B 169 -0.78 8.15 5.26
N HIS B 170 -1.66 8.09 6.26
CA HIS B 170 -1.23 7.52 7.55
C HIS B 170 -0.99 6.03 7.42
N LEU B 171 0.04 5.57 8.12
CA LEU B 171 0.22 4.15 8.38
C LEU B 171 -0.04 3.90 9.84
N LEU B 172 -0.53 2.70 10.15
CA LEU B 172 -0.66 2.27 11.54
C LEU B 172 0.42 1.24 11.82
N ALA B 173 1.41 1.61 12.64
CA ALA B 173 2.48 0.71 13.02
C ALA B 173 3.09 0.01 11.81
N GLY B 174 3.38 0.80 10.77
CA GLY B 174 4.08 0.30 9.61
C GLY B 174 3.22 -0.33 8.51
N LYS B 175 1.91 -0.39 8.74
CA LYS B 175 0.97 -0.96 7.75
C LYS B 175 0.15 0.10 7.01
N ILE B 176 -0.02 -0.18 5.72
CA ILE B 176 -0.69 0.66 4.77
C ILE B 176 -2.14 0.15 4.57
N TYR B 177 -3.08 1.06 4.36
CA TYR B 177 -4.46 0.72 4.00
C TYR B 177 -4.72 1.14 2.54
N PRO B 178 -5.59 0.40 1.83
CA PRO B 178 -5.91 0.78 0.46
C PRO B 178 -6.42 2.21 0.27
N LEU B 179 -7.16 2.73 1.24
CA LEU B 179 -7.77 4.03 1.03
C LEU B 179 -7.84 4.80 2.31
N GLU B 180 -7.72 6.11 2.20
CA GLU B 180 -7.96 7.00 3.37
C GLU B 180 -8.84 8.15 2.94
N LEU B 181 -9.77 8.54 3.84
CA LEU B 181 -10.70 9.61 3.54
C LEU B 181 -10.39 10.70 4.57
N HIS B 182 -10.17 11.92 4.09
CA HIS B 182 -9.88 13.11 4.93
C HIS B 182 -11.03 14.07 4.94
N ILE B 183 -11.55 14.34 6.14
CA ILE B 183 -12.58 15.40 6.27
C ILE B 183 -11.91 16.62 6.90
N VAL B 184 -11.88 17.71 6.15
CA VAL B 184 -11.16 18.94 6.47
C VAL B 184 -12.16 19.88 7.12
N HIS B 185 -11.77 20.43 8.27
CA HIS B 185 -12.67 21.33 9.03
C HIS B 185 -11.98 22.64 9.31
N GLN B 186 -12.78 23.70 9.45
CA GLN B 186 -12.28 25.02 9.84
C GLN B 186 -12.89 25.39 11.21
N VAL B 187 -12.09 25.99 12.07
CA VAL B 187 -12.54 26.52 13.38
C VAL B 187 -12.31 28.03 13.35
N THR B 188 -13.35 28.81 13.66
CA THR B 188 -13.17 30.25 13.69
C THR B 188 -13.60 30.85 15.03
N GLU B 189 -14.20 30.04 15.90
CA GLU B 189 -14.80 30.54 17.14
C GLU B 189 -13.91 30.43 18.38
N LYS B 190 -14.12 31.35 19.34
CA LYS B 190 -13.56 31.29 20.69
C LYS B 190 -12.05 31.55 20.80
N LEU B 191 -11.22 30.69 20.23
CA LEU B 191 -9.76 30.90 20.25
C LEU B 191 -9.38 32.14 19.48
N GLU B 192 -8.68 33.05 20.14
CA GLU B 192 -8.37 34.34 19.56
C GLU B 192 -7.48 34.18 18.32
N ALA B 193 -6.64 33.16 18.31
CA ALA B 193 -5.75 32.88 17.17
C ALA B 193 -6.46 32.35 15.94
N CYS B 194 -7.74 31.98 16.09
CA CYS B 194 -8.49 31.33 15.01
C CYS B 194 -9.44 32.20 14.23
N LYS B 195 -9.34 33.52 14.43
CA LYS B 195 -10.25 34.48 13.81
C LYS B 195 -10.25 34.33 12.29
N GLY B 196 -9.06 34.10 11.73
CA GLY B 196 -8.90 33.89 10.29
C GLY B 196 -8.99 32.43 9.86
N GLY B 197 -9.32 31.55 10.80
CA GLY B 197 -9.54 30.13 10.54
C GLY B 197 -8.35 29.27 10.97
N CYS B 198 -8.59 28.29 11.82
CA CYS B 198 -7.64 27.21 12.12
C CYS B 198 -8.22 25.92 11.59
N PHE B 199 -7.40 24.89 11.44
CA PHE B 199 -7.87 23.71 10.74
C PHE B 199 -7.63 22.43 11.45
N SER B 200 -8.52 21.47 11.20
CA SER B 200 -8.41 20.21 11.82
C SER B 200 -8.89 19.19 10.82
N VAL B 201 -8.24 18.03 10.81
CA VAL B 201 -8.64 16.99 9.86
C VAL B 201 -8.92 15.70 10.55
N THR B 202 -9.96 15.01 10.07
CA THR B 202 -10.25 13.66 10.53
C THR B 202 -10.00 12.68 9.38
N GLY B 203 -9.23 11.65 9.66
CA GLY B 203 -8.86 10.66 8.64
C GLY B 203 -9.50 9.33 8.97
N ILE B 204 -10.18 8.76 7.98
CA ILE B 204 -10.75 7.41 8.09
C ILE B 204 -10.01 6.45 7.14
N LEU B 205 -9.63 5.32 7.67
CA LEU B 205 -8.87 4.28 6.93
C LEU B 205 -9.83 3.21 6.45
N PHE B 206 -9.55 2.60 5.30
CA PHE B 206 -10.37 1.50 4.80
C PHE B 206 -9.42 0.32 4.54
N GLN B 207 -9.67 -0.81 5.19
CA GLN B 207 -8.94 -2.05 4.89
C GLN B 207 -9.60 -2.78 3.74
N LEU B 208 -8.81 -3.53 2.96
CA LEU B 208 -9.38 -4.28 1.86
C LEU B 208 -10.27 -5.41 2.37
N ASP B 209 -11.39 -5.60 1.69
CA ASP B 209 -12.41 -6.57 2.15
C ASP B 209 -12.82 -7.44 0.95
N ASN B 210 -13.06 -8.72 1.22
CA ASN B 210 -13.41 -9.69 0.18
C ASN B 210 -14.90 -9.75 -0.12
N GLY B 211 -15.69 -8.88 0.52
CA GLY B 211 -17.15 -8.89 0.33
C GLY B 211 -17.65 -7.99 -0.77
N PRO B 212 -18.98 -7.71 -0.80
CA PRO B 212 -19.56 -6.80 -1.78
C PRO B 212 -19.07 -5.38 -1.55
N ASP B 213 -19.21 -4.52 -2.56
CA ASP B 213 -18.89 -3.10 -2.42
C ASP B 213 -19.45 -2.53 -1.14
N ASN B 214 -18.68 -1.61 -0.54
CA ASN B 214 -19.16 -0.82 0.57
C ASN B 214 -20.09 0.21 -0.04
N GLU B 215 -21.39 0.01 0.18
CA GLU B 215 -22.35 0.88 -0.48
C GLU B 215 -22.23 2.35 -0.03
N LEU B 216 -21.62 2.58 1.13
CA LEU B 216 -21.44 3.97 1.63
C LEU B 216 -20.49 4.80 0.74
N LEU B 217 -19.58 4.11 0.03
CA LEU B 217 -18.67 4.79 -0.84
C LEU B 217 -19.26 5.09 -2.21
N GLU B 218 -20.29 4.35 -2.59
CA GLU B 218 -20.82 4.46 -3.97
C GLU B 218 -21.42 5.78 -4.43
N PRO B 219 -22.09 6.54 -3.53
CA PRO B 219 -22.53 7.86 -3.99
C PRO B 219 -21.40 8.73 -4.48
N ILE B 220 -20.20 8.54 -3.92
CA ILE B 220 -19.03 9.23 -4.46
C ILE B 220 -18.48 8.48 -5.69
N PHE B 221 -18.14 7.21 -5.52
CA PHE B 221 -17.38 6.51 -6.57
C PHE B 221 -18.16 6.38 -7.88
N ALA B 222 -19.48 6.17 -7.77
CA ALA B 222 -20.33 6.01 -8.99
C ALA B 222 -20.46 7.32 -9.76
N ASN B 223 -20.14 8.43 -9.09
CA ASN B 223 -20.29 9.75 -9.67
C ASN B 223 -19.02 10.54 -9.90
N MET B 224 -17.86 10.00 -9.54
CA MET B 224 -16.65 10.80 -9.66
C MET B 224 -16.18 11.01 -11.10
N PRO B 225 -15.80 12.25 -11.45
CA PRO B 225 -15.28 12.49 -12.80
C PRO B 225 -13.88 11.88 -13.02
N SER B 226 -13.65 11.29 -14.21
CA SER B 226 -12.30 10.80 -14.55
C SER B 226 -11.43 11.86 -15.22
N ARG B 227 -12.04 12.88 -15.81
CA ARG B 227 -11.24 13.94 -16.39
C ARG B 227 -10.73 14.94 -15.35
N GLU B 228 -9.42 15.21 -15.41
CA GLU B 228 -8.76 16.12 -14.49
C GLU B 228 -9.28 17.54 -14.64
N GLY B 229 -9.51 18.21 -13.51
CA GLY B 229 -9.95 19.61 -13.50
C GLY B 229 -11.44 19.79 -13.79
N THR B 230 -12.26 18.80 -13.44
CA THR B 230 -13.70 18.89 -13.68
C THR B 230 -14.50 18.50 -12.44
N PHE B 231 -15.80 18.78 -12.46
CA PHE B 231 -16.69 18.35 -11.37
C PHE B 231 -18.04 17.87 -11.92
N SER B 232 -18.74 17.07 -11.13
CA SER B 232 -20.09 16.60 -11.43
C SER B 232 -20.97 16.93 -10.24
N ASN B 233 -22.13 17.52 -10.52
CA ASN B 233 -23.19 17.66 -9.50
C ASN B 233 -23.77 16.30 -9.21
N LEU B 234 -23.95 15.95 -7.92
CA LEU B 234 -24.57 14.69 -7.58
C LEU B 234 -26.07 14.77 -7.91
N PRO B 235 -26.63 13.71 -8.53
CA PRO B 235 -28.06 13.70 -8.89
C PRO B 235 -28.96 13.97 -7.68
N ALA B 236 -30.06 14.69 -7.90
CA ALA B 236 -31.02 14.98 -6.83
C ALA B 236 -31.37 13.73 -6.03
N GLY B 237 -31.34 13.84 -4.71
CA GLY B 237 -31.61 12.69 -3.87
C GLY B 237 -30.37 11.88 -3.48
N THR B 238 -29.24 12.12 -4.13
CA THR B 238 -28.00 11.41 -3.72
C THR B 238 -27.69 11.69 -2.26
N THR B 239 -27.50 10.63 -1.49
CA THR B 239 -27.25 10.64 -0.05
C THR B 239 -25.82 10.13 0.24
N ILE B 240 -25.00 10.97 0.86
CA ILE B 240 -23.70 10.53 1.38
C ILE B 240 -23.82 10.48 2.90
N LYS B 241 -23.73 9.28 3.44
CA LYS B 241 -23.87 9.04 4.87
C LYS B 241 -22.51 9.18 5.59
N LEU B 242 -22.08 10.42 5.71
CA LEU B 242 -20.77 10.75 6.27
C LEU B 242 -20.65 10.23 7.70
N GLY B 243 -21.76 10.30 8.44
CA GLY B 243 -21.80 9.78 9.81
C GLY B 243 -21.68 8.28 9.91
N GLU B 244 -21.93 7.57 8.81
CA GLU B 244 -21.74 6.12 8.75
C GLU B 244 -20.37 5.69 8.18
N LEU B 245 -19.80 6.51 7.31
CA LEU B 245 -18.40 6.36 6.84
C LEU B 245 -17.42 6.50 8.02
N LEU B 246 -17.68 7.47 8.91
CA LEU B 246 -17.00 7.54 10.20
C LEU B 246 -17.25 6.27 11.01
N PRO B 247 -16.18 5.65 11.57
CA PRO B 247 -16.29 4.46 12.41
C PRO B 247 -17.27 4.68 13.56
N SER B 248 -18.02 3.66 13.92
CA SER B 248 -18.92 3.80 15.06
C SER B 248 -18.12 3.71 16.36
N ASP B 249 -17.08 2.85 16.38
CA ASP B 249 -16.10 2.78 17.46
C ASP B 249 -15.06 3.89 17.21
N ARG B 250 -15.16 5.01 17.93
CA ARG B 250 -14.40 6.19 17.55
C ARG B 250 -13.06 6.40 18.24
N ASP B 251 -12.35 5.30 18.43
CA ASP B 251 -10.96 5.34 18.85
C ASP B 251 -10.20 6.21 17.81
N TYR B 252 -9.25 7.01 18.28
CA TYR B 252 -8.44 7.76 17.33
C TYR B 252 -7.07 8.08 17.88
N VAL B 253 -6.15 8.40 16.98
CA VAL B 253 -4.86 8.93 17.39
C VAL B 253 -4.84 10.40 16.98
N THR B 254 -4.26 11.23 17.82
CA THR B 254 -4.28 12.63 17.57
C THR B 254 -2.88 13.25 17.75
N TYR B 255 -2.57 14.22 16.90
CA TYR B 255 -1.26 14.86 16.87
C TYR B 255 -1.37 16.17 16.07
N GLU B 256 -0.34 17.03 16.15
CA GLU B 256 -0.24 18.27 15.38
C GLU B 256 0.54 18.00 14.11
N GLY B 257 -0.03 18.39 12.98
CA GLY B 257 0.60 18.08 11.68
C GLY B 257 0.25 19.13 10.70
N SER B 258 0.13 18.72 9.44
CA SER B 258 0.13 19.67 8.34
C SER B 258 -0.89 19.24 7.28
N LEU B 259 -1.16 20.13 6.33
CA LEU B 259 -1.76 19.70 5.06
C LEU B 259 -0.80 18.70 4.41
N THR B 260 -1.33 17.69 3.71
CA THR B 260 -0.48 16.68 3.10
C THR B 260 -0.33 16.93 1.56
N THR B 261 -0.68 18.15 1.16
CA THR B 261 -0.47 18.69 -0.20
C THR B 261 0.10 20.08 -0.08
N PRO B 262 0.91 20.53 -1.08
CA PRO B 262 1.42 21.89 -1.04
C PRO B 262 0.31 22.89 -0.81
N PRO B 263 0.55 23.91 0.03
CA PRO B 263 1.84 24.30 0.61
C PRO B 263 2.25 23.57 1.91
N CYS B 264 1.49 22.54 2.32
CA CYS B 264 1.83 21.71 3.50
C CYS B 264 1.88 22.52 4.80
N SER B 265 0.99 23.53 4.91
CA SER B 265 0.89 24.38 6.12
C SER B 265 0.73 23.58 7.41
N GLU B 266 1.41 24.01 8.49
CA GLU B 266 1.39 23.26 9.75
C GLU B 266 0.44 23.89 10.75
N GLY B 267 0.30 23.25 11.90
CA GLY B 267 -0.61 23.73 12.94
C GLY B 267 -2.00 23.08 12.87
N LEU B 268 -2.19 22.07 12.01
CA LEU B 268 -3.49 21.35 11.96
C LEU B 268 -3.63 20.33 13.07
N LEU B 269 -4.84 20.20 13.62
CA LEU B 269 -5.05 19.16 14.59
C LEU B 269 -5.56 17.95 13.82
N TRP B 270 -4.80 16.86 13.85
CA TRP B 270 -5.21 15.63 13.20
C TRP B 270 -5.88 14.65 14.12
N HIS B 271 -6.90 13.97 13.60
CA HIS B 271 -7.48 12.78 14.22
C HIS B 271 -7.37 11.68 13.19
N VAL B 272 -6.78 10.57 13.56
CA VAL B 272 -6.75 9.41 12.68
C VAL B 272 -7.55 8.32 13.35
N MET B 273 -8.69 7.99 12.75
CA MET B 273 -9.55 6.94 13.33
C MET B 273 -8.87 5.58 13.19
N THR B 274 -8.73 4.85 14.28
CA THR B 274 -7.97 3.62 14.26
C THR B 274 -8.75 2.36 13.88
N GLN B 275 -10.09 2.43 13.84
CA GLN B 275 -10.89 1.26 13.42
C GLN B 275 -11.23 1.40 11.94
N PRO B 276 -10.53 0.60 11.09
CA PRO B 276 -10.73 0.77 9.66
C PRO B 276 -12.12 0.31 9.21
N GLN B 277 -12.60 0.95 8.17
CA GLN B 277 -13.86 0.61 7.52
C GLN B 277 -13.48 -0.32 6.34
N ARG B 278 -14.45 -0.73 5.54
CA ARG B 278 -14.20 -1.76 4.52
C ARG B 278 -14.24 -1.16 3.12
N ILE B 279 -13.41 -1.66 2.21
CA ILE B 279 -13.51 -1.28 0.79
C ILE B 279 -13.32 -2.55 -0.04
N SER B 280 -14.14 -2.76 -1.06
CA SER B 280 -14.05 -4.02 -1.86
C SER B 280 -12.92 -3.99 -2.87
N PHE B 281 -12.58 -5.18 -3.42
CA PHE B 281 -11.52 -5.23 -4.45
C PHE B 281 -11.84 -4.31 -5.60
N GLY B 282 -13.08 -4.35 -6.07
CA GLY B 282 -13.43 -3.59 -7.26
C GLY B 282 -13.47 -2.10 -7.00
N GLN B 283 -13.92 -1.72 -5.83
CA GLN B 283 -13.93 -0.29 -5.49
C GLN B 283 -12.53 0.26 -5.42
N TRP B 284 -11.60 -0.53 -4.90
CA TRP B 284 -10.21 -0.05 -4.83
C TRP B 284 -9.69 0.16 -6.25
N ASN B 285 -10.02 -0.76 -7.15
CA ASN B 285 -9.62 -0.61 -8.54
C ASN B 285 -10.22 0.63 -9.17
N ARG B 286 -11.54 0.81 -8.98
CA ARG B 286 -12.22 1.97 -9.59
C ARG B 286 -11.63 3.28 -9.11
N TYR B 287 -11.38 3.38 -7.81
CA TYR B 287 -10.77 4.62 -7.28
C TYR B 287 -9.40 4.84 -7.92
N ARG B 288 -8.56 3.80 -7.90
CA ARG B 288 -7.21 3.98 -8.48
C ARG B 288 -7.21 4.30 -9.97
N LEU B 289 -8.22 3.83 -10.70
CA LEU B 289 -8.34 4.19 -12.11
C LEU B 289 -8.75 5.66 -12.28
N ALA B 290 -9.60 6.15 -11.38
CA ALA B 290 -10.02 7.56 -11.40
C ALA B 290 -8.84 8.51 -11.10
N VAL B 291 -7.86 8.03 -10.31
CA VAL B 291 -6.62 8.80 -10.11
C VAL B 291 -5.45 8.18 -10.92
N GLY B 292 -5.82 7.57 -12.03
CA GLY B 292 -4.89 6.75 -12.81
C GLY B 292 -3.99 7.50 -13.76
N LEU B 293 -3.10 6.74 -14.38
CA LEU B 293 -2.20 7.29 -15.39
C LEU B 293 -2.87 7.13 -16.74
N LYS B 294 -2.71 8.14 -17.60
CA LYS B 294 -3.50 8.22 -18.80
C LYS B 294 -2.61 8.22 -20.02
N GLU B 295 -3.11 7.63 -21.10
CA GLU B 295 -2.47 7.68 -22.40
C GLU B 295 -3.30 8.71 -23.17
N CYS B 296 -2.65 9.67 -23.80
CA CYS B 296 -3.37 10.72 -24.55
C CYS B 296 -2.90 10.81 -26.00
N ASN B 297 -3.86 10.98 -26.91
CA ASN B 297 -3.61 11.21 -28.34
C ASN B 297 -4.09 12.65 -28.63
N SER B 298 -3.26 13.44 -29.30
CA SER B 298 -3.63 14.79 -29.73
C SER B 298 -4.81 14.82 -30.75
N THR B 299 -5.51 15.96 -30.78
CA THR B 299 -6.77 16.19 -31.55
C THR B 299 -7.93 15.28 -31.13
N ASN B 345 -4.51 23.51 -25.46
CA ASN B 345 -5.97 23.42 -25.41
C ASN B 345 -6.44 22.03 -25.01
N PRO B 346 -6.91 21.89 -23.75
CA PRO B 346 -7.31 20.60 -23.19
C PRO B 346 -8.29 19.82 -24.07
N ASP B 347 -9.09 20.52 -24.86
CA ASP B 347 -10.08 19.85 -25.72
C ASP B 347 -9.47 19.18 -26.94
N ALA B 348 -8.22 19.54 -27.26
CA ALA B 348 -7.49 18.94 -28.37
C ALA B 348 -6.78 17.62 -28.01
N TYR B 349 -7.24 16.94 -26.96
CA TYR B 349 -6.66 15.64 -26.60
C TYR B 349 -7.74 14.62 -26.36
N THR B 350 -7.46 13.36 -26.71
CA THR B 350 -8.30 12.26 -26.27
C THR B 350 -7.47 11.43 -25.31
N CYS B 351 -7.95 11.28 -24.08
CA CYS B 351 -7.20 10.55 -23.04
C CYS B 351 -8.01 9.37 -22.50
N LYS B 352 -7.33 8.30 -22.12
CA LYS B 352 -7.94 7.20 -21.38
C LYS B 352 -7.01 6.79 -20.24
N ALA B 353 -7.58 6.43 -19.09
CA ALA B 353 -6.79 5.86 -17.98
C ALA B 353 -6.38 4.47 -18.37
N VAL B 354 -5.08 4.18 -18.28
CA VAL B 354 -4.58 2.89 -18.74
C VAL B 354 -3.89 2.10 -17.64
N ALA B 355 -3.64 2.75 -16.49
CA ALA B 355 -2.89 2.15 -15.36
C ALA B 355 -3.46 2.67 -14.05
N PHE B 356 -3.46 1.83 -13.02
CA PHE B 356 -3.95 2.25 -11.69
C PHE B 356 -2.98 3.23 -11.08
N GLY B 357 -3.51 4.26 -10.43
CA GLY B 357 -2.63 5.31 -9.94
C GLY B 357 -2.65 5.35 -8.41
N GLN B 358 -2.23 6.49 -7.89
CA GLN B 358 -2.15 6.71 -6.47
C GLN B 358 -2.10 8.21 -6.29
N ASN B 359 -2.44 8.68 -5.09
CA ASN B 359 -2.33 10.12 -4.85
C ASN B 359 -2.05 10.31 -3.35
N PHE B 360 -0.92 9.75 -2.90
CA PHE B 360 -0.55 9.88 -1.49
C PHE B 360 0.80 10.57 -1.27
N ARG B 361 0.96 11.16 -0.10
CA ARG B 361 2.24 11.72 0.32
C ARG B 361 2.97 10.69 1.16
N ASN B 362 4.29 10.55 0.91
CA ASN B 362 5.16 9.75 1.77
C ASN B 362 5.03 10.09 3.25
N PRO B 363 5.25 9.10 4.12
CA PRO B 363 5.21 9.39 5.55
C PRO B 363 6.38 10.26 6.03
N GLN B 364 6.10 11.00 7.09
CA GLN B 364 6.99 12.03 7.66
C GLN B 364 7.34 11.63 9.09
N TYR B 365 8.55 12.01 9.54
CA TYR B 365 9.01 11.64 10.89
C TYR B 365 8.29 12.46 11.94
N ALA B 366 8.06 11.89 13.13
CA ALA B 366 7.35 12.59 14.23
C ALA B 366 8.14 13.76 14.78
N ASN B 367 9.47 13.60 14.77
CA ASN B 367 10.40 14.63 15.26
C ASN B 367 10.04 15.07 16.69
N GLY B 368 9.76 14.10 17.54
CA GLY B 368 9.43 14.36 18.95
C GLY B 368 8.05 14.91 19.30
N ARG B 369 7.16 15.08 18.31
CA ARG B 369 5.81 15.58 18.56
C ARG B 369 4.99 14.71 19.50
N THR B 370 4.03 15.33 20.17
CA THR B 370 3.09 14.58 21.02
C THR B 370 2.12 13.82 20.12
N ILE B 371 1.97 12.53 20.38
CA ILE B 371 1.04 11.69 19.63
C ILE B 371 0.31 10.88 20.70
N LYS B 372 -1.01 11.02 20.76
CA LYS B 372 -1.78 10.32 21.79
C LYS B 372 -2.95 9.50 21.24
N LEU B 373 -3.22 8.39 21.89
CA LEU B 373 -4.44 7.62 21.64
C LEU B 373 -5.62 8.15 22.48
N ALA B 374 -6.81 8.14 21.88
CA ALA B 374 -8.07 8.31 22.59
C ALA B 374 -8.93 7.03 22.43
N ARG B 375 -9.33 6.47 23.57
CA ARG B 375 -10.18 5.28 23.58
C ARG B 375 -11.62 5.72 23.73
N TYR B 376 -12.48 5.28 22.82
CA TYR B 376 -13.88 5.70 22.80
C TYR B 376 -14.61 4.88 23.86
N HIS B 377 -15.25 5.59 24.78
CA HIS B 377 -15.96 4.99 25.94
C HIS B 377 -15.12 4.00 26.74
#